data_5N4R
#
_entry.id   5N4R
#
_cell.length_a   98.121
_cell.length_b   98.121
_cell.length_c   80.457
_cell.angle_alpha   90.00
_cell.angle_beta   90.00
_cell.angle_gamma   120.00
#
_symmetry.space_group_name_H-M   'P 65'
#
loop_
_entity.id
_entity.type
_entity.pdbx_description
1 polymer 'Serine/threonine-protein kinase pim-1'
2 polymer Pimtide
3 non-polymer GLYCEROL
4 non-polymer 2-(azepan-1-yl)-1-(1~{H}-indol-3-yl)propan-1-one
5 water water
#
loop_
_entity_poly.entity_id
_entity_poly.type
_entity_poly.pdbx_seq_one_letter_code
_entity_poly.pdbx_strand_id
1 'polypeptide(L)'
;MLLSKINSLAHLRAAPCNDLHATKLAPGKEKEPLESQYQVGPLLGSGGFGSVYSGIRVSDNLPVAIKHVEKDRISDWGEL
PNGTRVPMEVVLLKKVSSGFSGVIRLLDWFERPDSFVLILERPEPVQDLFDFITERGALQEELARSFFWQVLEAVRHCHN
CGVLHRDIKDENILIDLNRGELKLIDFGSGALLKDTVYTDFDGTRVYSPPEWIRYHRYHGRSAAVWSLGILLYDMVCGDI
PFEHDEEIIGGQVFFRQRVSSECQHLIRWCLALRPSDRPTFEEIQNHPWMQDVLLPQETAEIHLHSLSPGPSK
;
A
2 'polypeptide(L)' ARKRRRHPSGPPTA E
#
loop_
_chem_comp.id
_chem_comp.type
_chem_comp.name
_chem_comp.formula
8MQ non-polymer 2-(azepan-1-yl)-1-(1~{H}-indol-3-yl)propan-1-one 'C17 H22 N2 O'
GOL non-polymer GLYCEROL 'C3 H8 O3'
#
# COMPACT_ATOMS: atom_id res chain seq x y z
N PRO A 33 12.07 21.48 19.03
CA PRO A 33 13.24 20.95 18.30
C PRO A 33 13.06 19.48 17.91
N LEU A 34 13.51 19.12 16.71
CA LEU A 34 13.33 17.76 16.20
C LEU A 34 14.46 16.82 16.60
N GLU A 35 15.69 17.32 16.70
CA GLU A 35 16.81 16.46 17.04
C GLU A 35 16.87 16.12 18.53
N SER A 36 16.07 16.78 19.37
CA SER A 36 16.04 16.52 20.80
C SER A 36 14.87 15.63 21.23
N GLN A 37 13.84 15.50 20.39
CA GLN A 37 12.72 14.62 20.69
C GLN A 37 12.92 13.20 20.19
N TYR A 38 13.83 12.98 19.24
CA TYR A 38 14.02 11.67 18.64
C TYR A 38 15.51 11.38 18.52
N GLN A 39 15.89 10.14 18.84
CA GLN A 39 17.22 9.64 18.53
C GLN A 39 17.17 8.99 17.15
N VAL A 40 17.99 9.49 16.22
CA VAL A 40 17.98 9.03 14.84
C VAL A 40 18.94 7.86 14.68
N GLY A 41 18.51 6.82 13.96
CA GLY A 41 19.31 5.64 13.74
C GLY A 41 19.78 5.51 12.31
N PRO A 42 19.93 4.28 11.84
CA PRO A 42 20.43 4.07 10.47
C PRO A 42 19.38 4.32 9.41
N LEU A 43 19.86 4.60 8.21
CA LEU A 43 19.00 4.74 7.06
C LEU A 43 18.34 3.41 6.74
N LEU A 44 17.01 3.41 6.66
CA LEU A 44 16.31 2.20 6.24
C LEU A 44 16.18 2.10 4.73
N GLY A 45 16.10 3.24 4.03
CA GLY A 45 15.99 3.20 2.59
C GLY A 45 15.62 4.56 2.07
N SER A 46 15.70 4.69 0.75
CA SER A 46 15.37 5.93 0.09
C SER A 46 14.86 5.63 -1.31
N GLY A 47 14.14 6.59 -1.87
CA GLY A 47 13.51 6.39 -3.17
C GLY A 47 12.58 7.55 -3.48
N GLY A 48 11.62 7.30 -4.36
CA GLY A 48 10.65 8.33 -4.70
C GLY A 48 9.87 8.84 -3.50
N PHE A 49 9.83 8.06 -2.42
CA PHE A 49 9.17 8.41 -1.17
C PHE A 49 10.05 9.26 -0.24
N GLY A 50 11.30 9.57 -0.61
CA GLY A 50 12.20 10.34 0.24
C GLY A 50 13.28 9.50 0.89
N SER A 51 13.78 9.90 2.05
CA SER A 51 14.75 9.10 2.81
C SER A 51 14.16 8.80 4.16
N VAL A 52 14.20 7.53 4.56
CA VAL A 52 13.54 7.06 5.77
C VAL A 52 14.60 6.47 6.68
N TYR A 53 14.61 6.94 7.95
CA TYR A 53 15.57 6.49 8.95
C TYR A 53 14.83 5.74 10.05
N SER A 54 15.50 4.76 10.63
CA SER A 54 15.04 4.19 11.87
C SER A 54 15.27 5.19 12.99
N GLY A 55 14.43 5.13 14.00
CA GLY A 55 14.54 6.12 15.06
C GLY A 55 13.83 5.64 16.30
N ILE A 56 14.01 6.41 17.37
CA ILE A 56 13.44 6.12 18.68
C ILE A 56 13.03 7.45 19.31
N ARG A 57 11.79 7.52 19.79
CA ARG A 57 11.33 8.69 20.53
C ARG A 57 11.94 8.65 21.92
N VAL A 58 12.67 9.71 22.30
CA VAL A 58 13.48 9.61 23.51
C VAL A 58 12.61 9.50 24.76
N SER A 59 11.42 10.12 24.75
CA SER A 59 10.61 10.20 25.97
C SER A 59 10.18 8.81 26.45
N ASP A 60 9.69 7.96 25.54
CA ASP A 60 9.19 6.64 25.92
C ASP A 60 9.88 5.50 25.16
N ASN A 61 11.01 5.77 24.50
CA ASN A 61 11.72 4.78 23.69
C ASN A 61 10.81 4.09 22.67
N LEU A 62 9.79 4.81 22.18
CA LEU A 62 8.93 4.24 21.16
C LEU A 62 9.69 4.16 19.84
N PRO A 63 9.69 3.01 19.17
CA PRO A 63 10.33 2.93 17.85
C PRO A 63 9.56 3.73 16.81
N VAL A 64 10.28 4.52 16.03
CA VAL A 64 9.68 5.37 15.01
C VAL A 64 10.48 5.24 13.71
N ALA A 65 9.86 5.72 12.64
CA ALA A 65 10.54 5.93 11.37
C ALA A 65 10.48 7.40 11.03
N ILE A 66 11.59 7.93 10.53
CA ILE A 66 11.76 9.36 10.32
C ILE A 66 11.94 9.58 8.83
N LYS A 67 10.94 10.15 8.18
CA LYS A 67 10.93 10.29 6.73
C LYS A 67 11.21 11.74 6.36
N HIS A 68 12.17 11.94 5.46
CA HIS A 68 12.53 13.27 4.98
C HIS A 68 12.11 13.39 3.53
N VAL A 69 11.38 14.47 3.22
CA VAL A 69 10.92 14.76 1.87
C VAL A 69 11.41 16.14 1.47
N GLU A 70 12.09 16.22 0.32
CA GLU A 70 12.58 17.49 -0.17
C GLU A 70 11.44 18.33 -0.74
N LYS A 71 11.40 19.62 -0.37
CA LYS A 71 10.31 20.47 -0.82
C LYS A 71 10.23 20.56 -2.34
N ASP A 72 11.38 20.53 -3.02
CA ASP A 72 11.40 20.61 -4.48
C ASP A 72 10.80 19.38 -5.16
N ARG A 73 10.65 18.26 -4.46
CA ARG A 73 10.09 17.05 -5.06
C ARG A 73 8.61 16.89 -4.80
N ILE A 74 7.98 17.82 -4.10
CA ILE A 74 6.57 17.69 -3.73
C ILE A 74 5.73 18.30 -4.84
N SER A 75 4.96 17.46 -5.53
CA SER A 75 4.14 17.93 -6.63
C SER A 75 2.79 18.44 -6.14
N ASP A 76 2.16 17.75 -5.20
CA ASP A 76 0.82 18.08 -4.73
C ASP A 76 0.90 18.64 -3.30
N TRP A 77 0.34 19.83 -3.12
CA TRP A 77 0.34 20.50 -1.83
C TRP A 77 -1.09 20.61 -1.31
N GLY A 78 -1.21 20.69 0.01
CA GLY A 78 -2.50 20.86 0.64
C GLY A 78 -2.41 21.83 1.79
N GLU A 79 -3.56 22.11 2.39
CA GLU A 79 -3.65 22.97 3.56
C GLU A 79 -4.50 22.26 4.60
N LEU A 80 -4.10 22.38 5.86
CA LEU A 80 -4.81 21.68 6.93
C LEU A 80 -5.63 22.68 7.75
N PRO A 81 -6.01 22.30 8.97
CA PRO A 81 -6.58 23.30 9.89
C PRO A 81 -5.62 24.46 10.06
N ASN A 82 -6.19 25.66 10.17
CA ASN A 82 -5.45 26.92 10.17
C ASN A 82 -4.72 27.17 8.86
N GLY A 83 -5.01 26.38 7.82
CA GLY A 83 -4.51 26.65 6.49
C GLY A 83 -3.01 26.61 6.33
N THR A 84 -2.29 25.96 7.25
CA THR A 84 -0.86 25.77 7.07
C THR A 84 -0.62 24.91 5.83
N ARG A 85 0.30 25.34 4.97
CA ARG A 85 0.53 24.66 3.70
C ARG A 85 1.51 23.50 3.91
N VAL A 86 1.05 22.28 3.64
CA VAL A 86 1.85 21.09 3.87
C VAL A 86 1.77 20.19 2.64
N PRO A 87 2.70 19.25 2.48
CA PRO A 87 2.54 18.24 1.43
C PRO A 87 1.21 17.52 1.58
N MET A 88 0.62 17.16 0.45
CA MET A 88 -0.60 16.36 0.46
C MET A 88 -0.43 15.10 1.30
N GLU A 89 0.76 14.49 1.27
CA GLU A 89 0.99 13.28 2.02
C GLU A 89 0.70 13.49 3.50
N VAL A 90 1.05 14.66 4.03
CA VAL A 90 0.74 14.95 5.43
C VAL A 90 -0.77 15.10 5.60
N VAL A 91 -1.44 15.76 4.65
CA VAL A 91 -2.89 15.88 4.73
C VAL A 91 -3.53 14.49 4.74
N LEU A 92 -3.08 13.61 3.84
CA LEU A 92 -3.74 12.31 3.75
C LEU A 92 -3.49 11.47 5.00
N LEU A 93 -2.26 11.50 5.53
CA LEU A 93 -1.96 10.72 6.73
C LEU A 93 -2.78 11.20 7.91
N LYS A 94 -2.99 12.52 8.03
CA LYS A 94 -3.80 13.03 9.13
C LYS A 94 -5.24 12.54 9.03
N LYS A 95 -5.79 12.48 7.82
CA LYS A 95 -7.17 12.02 7.67
C LYS A 95 -7.33 10.53 8.01
N VAL A 96 -6.30 9.70 7.78
CA VAL A 96 -6.42 8.28 8.12
C VAL A 96 -5.81 7.94 9.47
N SER A 97 -5.14 8.90 10.13
CA SER A 97 -4.52 8.67 11.42
C SER A 97 -5.54 8.39 12.50
N SER A 98 -6.82 8.57 12.20
CA SER A 98 -7.89 8.37 13.17
C SER A 98 -7.83 7.00 13.82
N GLY A 99 -7.19 6.92 14.98
CA GLY A 99 -7.26 5.73 15.78
C GLY A 99 -6.28 4.64 15.34
N PHE A 100 -6.72 3.40 15.50
CA PHE A 100 -5.94 2.23 15.17
C PHE A 100 -6.47 1.62 13.87
N SER A 101 -5.56 1.18 13.01
CA SER A 101 -5.98 0.61 11.74
C SER A 101 -4.78 -0.10 11.11
N GLY A 102 -4.98 -0.58 9.89
CA GLY A 102 -3.93 -1.16 9.09
C GLY A 102 -3.24 -0.11 8.25
N VAL A 103 -3.18 1.13 8.74
CA VAL A 103 -2.42 2.21 8.10
C VAL A 103 -1.34 2.68 9.06
N ILE A 104 -0.17 3.01 8.51
CA ILE A 104 0.91 3.58 9.30
C ILE A 104 0.44 4.88 9.95
N ARG A 105 0.79 5.08 11.22
CA ARG A 105 0.31 6.24 11.95
C ARG A 105 1.34 7.36 11.89
N LEU A 106 0.89 8.54 11.48
CA LEU A 106 1.72 9.74 11.57
C LEU A 106 1.68 10.28 12.98
N LEU A 107 2.82 10.29 13.66
CA LEU A 107 2.87 10.79 15.03
C LEU A 107 3.13 12.29 15.11
N ASP A 108 3.85 12.84 14.15
CA ASP A 108 4.28 14.24 14.21
C ASP A 108 4.90 14.55 12.86
N TRP A 109 5.09 15.84 12.62
CA TRP A 109 5.82 16.30 11.44
C TRP A 109 6.40 17.66 11.75
N PHE A 110 7.41 18.04 10.96
CA PHE A 110 8.11 19.30 11.12
C PHE A 110 8.44 19.85 9.75
N GLU A 111 8.43 21.16 9.63
CA GLU A 111 8.91 21.80 8.41
C GLU A 111 10.31 22.35 8.66
N ARG A 112 11.20 22.08 7.74
CA ARG A 112 12.55 22.62 7.69
C ARG A 112 12.65 23.52 6.47
N PRO A 113 13.75 24.28 6.33
CA PRO A 113 13.85 25.20 5.18
C PRO A 113 13.63 24.53 3.83
N ASP A 114 14.21 23.36 3.58
CA ASP A 114 14.10 22.74 2.27
C ASP A 114 13.36 21.41 2.30
N SER A 115 12.74 21.04 3.43
CA SER A 115 12.15 19.71 3.53
C SER A 115 11.08 19.69 4.61
N PHE A 116 10.28 18.64 4.56
CA PHE A 116 9.42 18.24 5.66
C PHE A 116 9.94 16.93 6.22
N VAL A 117 9.77 16.77 7.53
CA VAL A 117 10.17 15.56 8.23
C VAL A 117 8.91 14.97 8.83
N LEU A 118 8.68 13.68 8.58
CA LEU A 118 7.50 12.98 9.05
C LEU A 118 7.93 11.92 10.04
N ILE A 119 7.33 11.92 11.23
CA ILE A 119 7.59 10.90 12.24
C ILE A 119 6.47 9.87 12.15
N LEU A 120 6.83 8.63 11.82
CA LEU A 120 5.87 7.55 11.63
C LEU A 120 6.10 6.47 12.68
N GLU A 121 5.01 5.79 13.05
CA GLU A 121 5.11 4.58 13.86
C GLU A 121 5.97 3.54 13.16
N ARG A 122 6.75 2.79 13.93
CA ARG A 122 7.61 1.75 13.36
C ARG A 122 7.38 0.42 14.05
N PRO A 123 6.75 -0.54 13.38
CA PRO A 123 6.65 -1.89 13.94
C PRO A 123 8.01 -2.54 14.02
N GLU A 124 8.17 -3.37 15.05
CA GLU A 124 9.41 -4.12 15.24
C GLU A 124 9.10 -5.44 15.97
N PRO A 125 9.46 -6.58 15.38
CA PRO A 125 10.13 -6.69 14.08
C PRO A 125 9.15 -6.51 12.92
N VAL A 126 9.70 -6.11 11.76
CA VAL A 126 8.91 -5.77 10.58
C VAL A 126 9.64 -6.31 9.35
N GLN A 127 8.85 -6.62 8.32
CA GLN A 127 9.35 -6.90 6.97
C GLN A 127 8.27 -6.44 6.00
N ASP A 128 8.67 -5.78 4.91
CA ASP A 128 7.64 -5.39 3.97
C ASP A 128 7.21 -6.61 3.15
N LEU A 129 6.03 -6.50 2.54
CA LEU A 129 5.44 -7.68 1.91
C LEU A 129 6.22 -8.09 0.65
N PHE A 130 6.90 -7.15 -0.02
CA PHE A 130 7.73 -7.51 -1.16
C PHE A 130 8.87 -8.45 -0.76
N ASP A 131 9.64 -8.06 0.26
CA ASP A 131 10.72 -8.94 0.72
C ASP A 131 10.17 -10.26 1.23
N PHE A 132 9.05 -10.21 1.94
CA PHE A 132 8.44 -11.44 2.47
C PHE A 132 8.15 -12.43 1.34
N ILE A 133 7.53 -11.94 0.26
CA ILE A 133 7.18 -12.82 -0.86
C ILE A 133 8.43 -13.29 -1.60
N THR A 134 9.43 -12.41 -1.74
CA THR A 134 10.71 -12.83 -2.31
C THR A 134 11.31 -13.99 -1.54
N GLU A 135 11.26 -13.95 -0.22
CA GLU A 135 11.90 -15.00 0.56
C GLU A 135 11.04 -16.26 0.67
N ARG A 136 9.72 -16.11 0.74
CA ARG A 136 8.86 -17.28 0.91
C ARG A 136 8.41 -17.90 -0.40
N GLY A 137 8.45 -17.15 -1.50
CA GLY A 137 7.80 -17.62 -2.71
C GLY A 137 6.31 -17.39 -2.63
N ALA A 138 5.58 -18.04 -3.54
CA ALA A 138 4.11 -18.00 -3.55
C ALA A 138 3.57 -18.39 -2.18
N LEU A 139 2.60 -17.62 -1.69
CA LEU A 139 2.06 -17.83 -0.35
C LEU A 139 0.94 -18.87 -0.41
N GLN A 140 0.87 -19.73 0.63
CA GLN A 140 -0.32 -20.55 0.81
C GLN A 140 -1.57 -19.67 0.81
N GLU A 141 -2.65 -20.19 0.21
CA GLU A 141 -3.87 -19.39 0.07
C GLU A 141 -4.45 -18.94 1.42
N GLU A 142 -4.32 -19.76 2.45
CA GLU A 142 -4.76 -19.34 3.78
C GLU A 142 -4.05 -18.07 4.23
N LEU A 143 -2.75 -17.98 3.94
CA LEU A 143 -1.99 -16.81 4.33
C LEU A 143 -2.29 -15.62 3.43
N ALA A 144 -2.38 -15.85 2.11
CA ALA A 144 -2.76 -14.78 1.20
C ALA A 144 -4.15 -14.25 1.53
N ARG A 145 -5.07 -15.15 1.92
CA ARG A 145 -6.41 -14.71 2.29
C ARG A 145 -6.35 -13.75 3.49
N SER A 146 -5.56 -14.10 4.51
CA SER A 146 -5.48 -13.26 5.70
C SER A 146 -4.86 -11.91 5.37
N PHE A 147 -3.74 -11.92 4.66
CA PHE A 147 -3.08 -10.68 4.25
C PHE A 147 -4.02 -9.84 3.36
N PHE A 148 -4.60 -10.46 2.34
CA PHE A 148 -5.45 -9.70 1.42
C PHE A 148 -6.65 -9.11 2.14
N TRP A 149 -7.26 -9.88 3.04
CA TRP A 149 -8.37 -9.36 3.87
C TRP A 149 -7.95 -8.11 4.63
N GLN A 150 -6.78 -8.16 5.30
CA GLN A 150 -6.35 -6.98 6.06
C GLN A 150 -6.05 -5.80 5.15
N VAL A 151 -5.53 -6.04 3.94
CA VAL A 151 -5.31 -4.92 3.03
C VAL A 151 -6.64 -4.32 2.60
N LEU A 152 -7.64 -5.17 2.36
CA LEU A 152 -8.97 -4.67 2.02
C LEU A 152 -9.53 -3.77 3.12
N GLU A 153 -9.45 -4.22 4.38
CA GLU A 153 -9.94 -3.39 5.49
C GLU A 153 -9.19 -2.07 5.57
N ALA A 154 -7.86 -2.11 5.34
CA ALA A 154 -7.06 -0.89 5.36
C ALA A 154 -7.48 0.07 4.26
N VAL A 155 -7.70 -0.45 3.05
CA VAL A 155 -8.07 0.41 1.94
C VAL A 155 -9.49 0.93 2.13
N ARG A 156 -10.39 0.10 2.66
CA ARG A 156 -11.72 0.58 3.01
C ARG A 156 -11.63 1.73 4.00
N HIS A 157 -10.76 1.59 5.00
CA HIS A 157 -10.55 2.67 5.96
C HIS A 157 -10.11 3.94 5.26
N CYS A 158 -9.13 3.85 4.36
CA CYS A 158 -8.67 5.05 3.65
C CYS A 158 -9.83 5.70 2.91
N HIS A 159 -10.60 4.88 2.17
CA HIS A 159 -11.69 5.44 1.40
C HIS A 159 -12.76 6.05 2.30
N ASN A 160 -13.07 5.39 3.44
CA ASN A 160 -14.00 5.97 4.41
C ASN A 160 -13.54 7.35 4.88
N CYS A 161 -12.23 7.55 5.01
CA CYS A 161 -11.67 8.81 5.48
C CYS A 161 -11.39 9.80 4.35
N GLY A 162 -11.84 9.53 3.13
CA GLY A 162 -11.67 10.48 2.04
C GLY A 162 -10.33 10.43 1.34
N VAL A 163 -9.59 9.32 1.47
CA VAL A 163 -8.21 9.22 1.02
C VAL A 163 -8.09 8.08 0.01
N LEU A 164 -7.49 8.36 -1.15
CA LEU A 164 -7.17 7.36 -2.16
C LEU A 164 -5.66 7.17 -2.17
N HIS A 165 -5.20 5.93 -1.98
CA HIS A 165 -3.76 5.70 -1.81
C HIS A 165 -2.99 5.83 -3.12
N ARG A 166 -3.52 5.25 -4.20
CA ARG A 166 -3.00 5.28 -5.56
C ARG A 166 -1.66 4.55 -5.74
N ASP A 167 -1.17 3.84 -4.74
CA ASP A 167 0.08 3.12 -4.95
C ASP A 167 0.10 1.83 -4.13
N ILE A 168 -1.03 1.13 -4.10
CA ILE A 168 -1.11 -0.15 -3.40
C ILE A 168 -0.19 -1.15 -4.09
N LYS A 169 0.74 -1.72 -3.33
CA LYS A 169 1.64 -2.75 -3.86
C LYS A 169 2.31 -3.42 -2.67
N ASP A 170 2.95 -4.58 -2.91
CA ASP A 170 3.56 -5.29 -1.79
C ASP A 170 4.67 -4.46 -1.15
N GLU A 171 5.37 -3.65 -1.94
CA GLU A 171 6.42 -2.79 -1.37
C GLU A 171 5.85 -1.80 -0.36
N ASN A 172 4.58 -1.43 -0.51
CA ASN A 172 3.99 -0.42 0.36
C ASN A 172 3.16 -1.03 1.47
N ILE A 173 3.46 -2.27 1.85
CA ILE A 173 2.77 -2.96 2.93
C ILE A 173 3.81 -3.51 3.90
N LEU A 174 3.74 -3.08 5.16
CA LEU A 174 4.59 -3.61 6.22
C LEU A 174 3.86 -4.73 6.94
N ILE A 175 4.60 -5.76 7.32
CA ILE A 175 4.09 -6.87 8.13
C ILE A 175 4.66 -6.73 9.54
N ASP A 176 3.78 -6.48 10.51
CA ASP A 176 4.17 -6.63 11.90
C ASP A 176 4.23 -8.13 12.19
N LEU A 177 5.46 -8.66 12.23
CA LEU A 177 5.64 -10.10 12.24
C LEU A 177 5.18 -10.73 13.55
N ASN A 178 5.25 -10.01 14.67
CA ASN A 178 4.81 -10.58 15.93
C ASN A 178 3.29 -10.52 16.08
N ARG A 179 2.67 -9.43 15.64
CA ARG A 179 1.21 -9.31 15.75
C ARG A 179 0.48 -9.89 14.55
N GLY A 180 1.16 -10.15 13.43
CA GLY A 180 0.48 -10.64 12.24
C GLY A 180 -0.42 -9.61 11.60
N GLU A 181 -0.11 -8.32 11.77
CA GLU A 181 -0.92 -7.23 11.24
C GLU A 181 -0.17 -6.53 10.11
N LEU A 182 -0.91 -6.17 9.07
CA LEU A 182 -0.38 -5.47 7.91
C LEU A 182 -0.71 -3.99 7.99
N LYS A 183 0.23 -3.16 7.54
CA LYS A 183 0.13 -1.69 7.60
C LYS A 183 0.49 -1.10 6.24
N LEU A 184 -0.40 -0.24 5.71
CA LEU A 184 -0.12 0.51 4.50
C LEU A 184 0.79 1.69 4.79
N ILE A 185 1.76 1.92 3.91
CA ILE A 185 2.70 3.03 4.03
C ILE A 185 2.74 3.80 2.71
N ASP A 186 3.44 4.94 2.75
CA ASP A 186 3.84 5.71 1.58
C ASP A 186 2.62 6.24 0.81
N PHE A 187 1.99 7.25 1.41
CA PHE A 187 0.86 7.93 0.80
C PHE A 187 1.29 9.08 -0.12
N GLY A 188 2.58 9.19 -0.44
CA GLY A 188 3.07 10.30 -1.24
C GLY A 188 2.56 10.36 -2.68
N SER A 189 1.91 9.31 -3.17
CA SER A 189 1.27 9.35 -4.48
C SER A 189 -0.25 9.49 -4.39
N GLY A 190 -0.80 9.59 -3.18
CA GLY A 190 -2.22 9.53 -2.98
C GLY A 190 -2.93 10.83 -3.35
N ALA A 191 -4.24 10.83 -3.12
CA ALA A 191 -5.05 12.00 -3.42
C ALA A 191 -6.28 11.96 -2.53
N LEU A 192 -6.94 13.11 -2.42
CA LEU A 192 -8.28 13.11 -1.87
C LEU A 192 -9.17 12.24 -2.75
N LEU A 193 -10.03 11.44 -2.14
CA LEU A 193 -10.93 10.59 -2.91
C LEU A 193 -12.03 11.45 -3.53
N LYS A 194 -12.29 11.26 -4.83
CA LYS A 194 -13.38 11.94 -5.51
C LYS A 194 -14.06 10.97 -6.46
N ASP A 195 -15.24 11.35 -6.94
CA ASP A 195 -16.02 10.50 -7.84
C ASP A 195 -15.84 10.86 -9.31
N THR A 196 -15.13 11.95 -9.61
CA THR A 196 -14.87 12.35 -10.98
C THR A 196 -13.55 11.72 -11.46
N VAL A 197 -13.23 11.92 -12.75
CA VAL A 197 -12.10 11.24 -13.35
C VAL A 197 -10.80 11.81 -12.82
N TYR A 198 -9.81 10.94 -12.60
CA TYR A 198 -8.42 11.33 -12.40
C TYR A 198 -7.68 11.28 -13.72
N THR A 199 -6.85 12.29 -13.99
CA THR A 199 -6.04 12.37 -15.21
C THR A 199 -4.56 12.51 -14.91
N ASP A 200 -4.16 12.44 -13.65
CA ASP A 200 -2.78 12.43 -13.23
C ASP A 200 -2.52 11.13 -12.46
N PHE A 201 -1.28 10.66 -12.51
CA PHE A 201 -0.92 9.44 -11.79
C PHE A 201 0.59 9.37 -11.66
N ASP A 202 1.06 9.05 -10.44
CA ASP A 202 2.48 8.95 -10.12
C ASP A 202 2.78 7.69 -9.30
N GLY A 203 1.86 6.74 -9.26
CA GLY A 203 2.07 5.47 -8.57
C GLY A 203 2.87 4.52 -9.44
N THR A 204 2.77 3.24 -9.13
CA THR A 204 3.58 2.22 -9.79
C THR A 204 2.88 1.71 -11.04
N ARG A 205 3.56 1.84 -12.18
CA ARG A 205 2.92 1.57 -13.47
C ARG A 205 2.47 0.12 -13.59
N VAL A 206 3.24 -0.84 -13.07
CA VAL A 206 2.87 -2.24 -13.25
C VAL A 206 1.68 -2.62 -12.39
N TYR A 207 1.23 -1.75 -11.48
CA TYR A 207 -0.01 -1.96 -10.75
C TYR A 207 -1.14 -1.06 -11.24
N SER A 208 -0.87 -0.21 -12.29
CA SER A 208 -1.87 0.75 -12.75
C SER A 208 -2.78 0.09 -13.78
N PRO A 209 -4.02 0.57 -13.94
CA PRO A 209 -5.00 -0.17 -14.71
C PRO A 209 -4.90 0.12 -16.19
N PRO A 210 -5.51 -0.72 -17.03
CA PRO A 210 -5.35 -0.50 -18.48
C PRO A 210 -5.98 0.79 -18.96
N GLU A 211 -7.00 1.32 -18.28
CA GLU A 211 -7.57 2.59 -18.70
C GLU A 211 -6.60 3.74 -18.48
N TRP A 212 -5.70 3.63 -17.48
CA TRP A 212 -4.62 4.60 -17.35
C TRP A 212 -3.61 4.45 -18.48
N ILE A 213 -3.18 3.21 -18.77
CA ILE A 213 -2.21 2.98 -19.85
C ILE A 213 -2.76 3.51 -21.18
N ARG A 214 -4.02 3.22 -21.50
CA ARG A 214 -4.57 3.56 -22.81
C ARG A 214 -4.98 5.03 -22.90
N TYR A 215 -5.70 5.54 -21.90
CA TYR A 215 -6.36 6.84 -22.02
C TYR A 215 -5.88 7.88 -21.01
N HIS A 216 -4.96 7.54 -20.11
CA HIS A 216 -4.53 8.46 -19.06
C HIS A 216 -5.73 8.99 -18.28
N ARG A 217 -6.70 8.11 -18.05
CA ARG A 217 -7.89 8.40 -17.25
C ARG A 217 -8.23 7.17 -16.41
N TYR A 218 -8.64 7.40 -15.17
CA TYR A 218 -9.17 6.34 -14.32
C TYR A 218 -10.04 6.97 -13.24
N HIS A 219 -10.86 6.14 -12.62
CA HIS A 219 -11.64 6.53 -11.45
C HIS A 219 -11.07 5.80 -10.24
N GLY A 220 -11.26 6.38 -9.06
CA GLY A 220 -10.47 5.98 -7.90
C GLY A 220 -10.65 4.54 -7.46
N ARG A 221 -11.90 4.16 -7.18
CA ARG A 221 -12.15 2.87 -6.57
C ARG A 221 -11.87 1.73 -7.54
N SER A 222 -12.29 1.88 -8.81
CA SER A 222 -12.05 0.82 -9.77
C SER A 222 -10.56 0.67 -10.07
N ALA A 223 -9.80 1.78 -10.08
CA ALA A 223 -8.35 1.64 -10.24
C ALA A 223 -7.73 0.95 -9.03
N ALA A 224 -8.24 1.24 -7.83
CA ALA A 224 -7.72 0.57 -6.63
C ALA A 224 -7.99 -0.93 -6.68
N VAL A 225 -9.17 -1.31 -7.16
CA VAL A 225 -9.51 -2.74 -7.26
C VAL A 225 -8.58 -3.44 -8.24
N TRP A 226 -8.25 -2.79 -9.35
CA TRP A 226 -7.27 -3.38 -10.27
C TRP A 226 -5.94 -3.65 -9.55
N SER A 227 -5.42 -2.66 -8.82
CA SER A 227 -4.12 -2.86 -8.17
C SER A 227 -4.21 -3.97 -7.12
N LEU A 228 -5.39 -4.17 -6.54
CA LEU A 228 -5.58 -5.24 -5.57
C LEU A 228 -5.59 -6.61 -6.26
N GLY A 229 -6.13 -6.69 -7.48
CA GLY A 229 -5.98 -7.91 -8.26
C GLY A 229 -4.55 -8.24 -8.57
N ILE A 230 -3.75 -7.22 -8.92
CA ILE A 230 -2.31 -7.41 -9.15
C ILE A 230 -1.66 -7.94 -7.87
N LEU A 231 -2.02 -7.34 -6.73
CA LEU A 231 -1.43 -7.72 -5.46
C LEU A 231 -1.82 -9.15 -5.07
N LEU A 232 -3.08 -9.52 -5.27
CA LEU A 232 -3.49 -10.86 -4.90
C LEU A 232 -2.78 -11.91 -5.76
N TYR A 233 -2.70 -11.69 -7.07
CA TYR A 233 -1.91 -12.56 -7.93
C TYR A 233 -0.47 -12.65 -7.43
N ASP A 234 0.13 -11.50 -7.12
CA ASP A 234 1.49 -11.44 -6.57
C ASP A 234 1.63 -12.36 -5.36
N MET A 235 0.65 -12.32 -4.46
CA MET A 235 0.71 -13.14 -3.26
C MET A 235 0.62 -14.62 -3.57
N VAL A 236 -0.33 -15.04 -4.42
CA VAL A 236 -0.54 -16.47 -4.62
C VAL A 236 0.37 -17.07 -5.69
N CYS A 237 1.05 -16.25 -6.50
CA CYS A 237 1.93 -16.77 -7.53
C CYS A 237 3.40 -16.45 -7.31
N GLY A 238 3.72 -15.57 -6.35
CA GLY A 238 5.10 -15.23 -6.04
C GLY A 238 5.67 -14.06 -6.82
N ASP A 239 4.95 -13.55 -7.81
CA ASP A 239 5.34 -12.31 -8.48
C ASP A 239 4.12 -11.75 -9.20
N ILE A 240 4.21 -10.49 -9.62
CA ILE A 240 3.09 -9.80 -10.25
C ILE A 240 2.86 -10.41 -11.64
N PRO A 241 1.65 -10.30 -12.22
CA PRO A 241 1.41 -10.96 -13.50
C PRO A 241 1.99 -10.24 -14.71
N PHE A 242 2.08 -8.89 -14.65
CA PHE A 242 2.39 -8.09 -15.84
C PHE A 242 3.62 -7.21 -15.59
N GLU A 243 4.49 -7.13 -16.59
CA GLU A 243 5.60 -6.19 -16.58
C GLU A 243 5.51 -5.12 -17.67
N HIS A 244 4.79 -5.37 -18.76
CA HIS A 244 4.79 -4.51 -19.93
C HIS A 244 3.39 -3.97 -20.21
N ASP A 245 3.36 -2.77 -20.82
CA ASP A 245 2.08 -2.15 -21.14
C ASP A 245 1.16 -3.09 -21.90
N GLU A 246 1.73 -3.81 -22.89
CA GLU A 246 0.91 -4.70 -23.72
C GLU A 246 0.25 -5.78 -22.89
N GLU A 247 0.92 -6.27 -21.85
CA GLU A 247 0.31 -7.25 -20.95
C GLU A 247 -0.80 -6.62 -20.11
N ILE A 248 -0.57 -5.42 -19.59
CA ILE A 248 -1.59 -4.77 -18.77
C ILE A 248 -2.88 -4.62 -19.56
N ILE A 249 -2.79 -4.20 -20.82
CA ILE A 249 -4.01 -3.95 -21.59
C ILE A 249 -4.53 -5.22 -22.27
N GLY A 250 -3.72 -6.27 -22.35
CA GLY A 250 -4.11 -7.43 -23.13
C GLY A 250 -5.25 -8.26 -22.54
N GLY A 251 -5.39 -8.27 -21.23
CA GLY A 251 -6.54 -8.94 -20.65
C GLY A 251 -6.44 -10.45 -20.54
N GLN A 252 -5.23 -11.00 -20.46
CA GLN A 252 -5.03 -12.42 -20.22
C GLN A 252 -4.23 -12.62 -18.95
N VAL A 253 -4.73 -13.47 -18.06
CA VAL A 253 -4.08 -13.78 -16.80
C VAL A 253 -3.68 -15.25 -16.87
N PHE A 254 -2.39 -15.50 -17.04
CA PHE A 254 -1.85 -16.85 -17.00
C PHE A 254 -1.37 -17.12 -15.58
N PHE A 255 -1.77 -18.26 -15.01
CA PHE A 255 -1.36 -18.62 -13.65
C PHE A 255 -0.14 -19.53 -13.70
N ARG A 256 0.94 -19.07 -13.08
CA ARG A 256 2.23 -19.74 -13.09
C ARG A 256 2.38 -20.69 -11.91
N GLN A 257 1.45 -20.64 -10.96
CA GLN A 257 1.42 -21.52 -9.80
C GLN A 257 0.06 -22.16 -9.73
N ARG A 258 0.00 -23.29 -9.02
N ARG A 258 0.01 -23.29 -9.02
CA ARG A 258 -1.28 -23.88 -8.68
CA ARG A 258 -1.28 -23.88 -8.69
C ARG A 258 -2.07 -22.94 -7.79
C ARG A 258 -2.06 -22.92 -7.81
N VAL A 259 -3.22 -22.50 -8.28
CA VAL A 259 -4.10 -21.59 -7.55
C VAL A 259 -5.53 -22.12 -7.70
N SER A 260 -6.26 -22.18 -6.59
CA SER A 260 -7.63 -22.72 -6.61
C SER A 260 -8.49 -21.94 -7.60
N SER A 261 -9.52 -22.62 -8.12
CA SER A 261 -10.42 -21.96 -9.06
C SER A 261 -11.14 -20.77 -8.45
N GLU A 262 -11.48 -20.84 -7.16
CA GLU A 262 -12.15 -19.71 -6.51
C GLU A 262 -11.25 -18.48 -6.47
N CYS A 263 -9.96 -18.68 -6.15
CA CYS A 263 -9.02 -17.56 -6.11
C CYS A 263 -8.71 -17.02 -7.52
N GLN A 264 -8.54 -17.90 -8.50
CA GLN A 264 -8.35 -17.43 -9.88
C GLN A 264 -9.52 -16.55 -10.32
N HIS A 265 -10.74 -16.97 -9.99
CA HIS A 265 -11.93 -16.19 -10.34
C HIS A 265 -11.90 -14.80 -9.73
N LEU A 266 -11.62 -14.72 -8.42
CA LEU A 266 -11.57 -13.40 -7.78
C LEU A 266 -10.51 -12.53 -8.42
N ILE A 267 -9.34 -13.10 -8.72
CA ILE A 267 -8.26 -12.34 -9.35
C ILE A 267 -8.73 -11.83 -10.71
N ARG A 268 -9.27 -12.73 -11.54
CA ARG A 268 -9.68 -12.32 -12.87
C ARG A 268 -10.78 -11.28 -12.82
N TRP A 269 -11.66 -11.37 -11.82
CA TRP A 269 -12.70 -10.37 -11.66
C TRP A 269 -12.11 -8.99 -11.33
N CYS A 270 -11.13 -8.94 -10.40
CA CYS A 270 -10.46 -7.68 -10.09
C CYS A 270 -9.73 -7.12 -11.29
N LEU A 271 -9.21 -7.99 -12.18
CA LEU A 271 -8.46 -7.59 -13.36
C LEU A 271 -9.34 -7.49 -14.60
N ALA A 272 -10.64 -7.31 -14.43
CA ALA A 272 -11.48 -7.05 -15.60
C ALA A 272 -10.96 -5.82 -16.35
N LEU A 273 -10.88 -5.94 -17.68
CA LEU A 273 -10.40 -4.82 -18.50
C LEU A 273 -11.31 -3.60 -18.37
N ARG A 274 -12.63 -3.80 -18.44
CA ARG A 274 -13.56 -2.68 -18.31
C ARG A 274 -13.73 -2.33 -16.83
N PRO A 275 -13.48 -1.08 -16.42
CA PRO A 275 -13.54 -0.76 -14.98
C PRO A 275 -14.88 -1.10 -14.33
N SER A 276 -15.99 -0.90 -15.03
CA SER A 276 -17.30 -1.18 -14.46
C SER A 276 -17.57 -2.66 -14.27
N ASP A 277 -16.76 -3.53 -14.88
CA ASP A 277 -16.87 -4.97 -14.65
C ASP A 277 -16.13 -5.43 -13.39
N ARG A 278 -15.38 -4.55 -12.72
CA ARG A 278 -14.64 -4.97 -11.54
C ARG A 278 -15.57 -4.99 -10.31
N PRO A 279 -15.26 -5.86 -9.34
CA PRO A 279 -16.07 -5.90 -8.13
C PRO A 279 -15.87 -4.66 -7.27
N THR A 280 -16.90 -4.34 -6.50
CA THR A 280 -16.75 -3.40 -5.40
C THR A 280 -15.98 -4.05 -4.26
N PHE A 281 -15.58 -3.24 -3.26
CA PHE A 281 -14.93 -3.81 -2.09
C PHE A 281 -15.84 -4.80 -1.37
N GLU A 282 -17.15 -4.51 -1.36
CA GLU A 282 -18.11 -5.41 -0.72
C GLU A 282 -18.15 -6.76 -1.44
N GLU A 283 -18.17 -6.74 -2.77
CA GLU A 283 -18.18 -7.98 -3.54
C GLU A 283 -16.88 -8.76 -3.37
N ILE A 284 -15.74 -8.08 -3.26
CA ILE A 284 -14.50 -8.79 -2.96
C ILE A 284 -14.61 -9.50 -1.62
N GLN A 285 -15.01 -8.78 -0.57
CA GLN A 285 -15.02 -9.40 0.75
C GLN A 285 -16.14 -10.42 0.92
N ASN A 286 -17.18 -10.35 0.10
CA ASN A 286 -18.22 -11.39 0.08
C ASN A 286 -17.88 -12.55 -0.85
N HIS A 287 -16.77 -12.49 -1.59
CA HIS A 287 -16.44 -13.56 -2.52
C HIS A 287 -16.21 -14.87 -1.76
N PRO A 288 -16.63 -16.00 -2.31
CA PRO A 288 -16.40 -17.29 -1.63
C PRO A 288 -14.95 -17.54 -1.24
N TRP A 289 -13.96 -17.12 -2.05
CA TRP A 289 -12.58 -17.36 -1.66
C TRP A 289 -12.19 -16.64 -0.37
N MET A 290 -12.92 -15.59 0.00
CA MET A 290 -12.52 -14.75 1.12
C MET A 290 -13.12 -15.18 2.46
N GLN A 291 -13.90 -16.25 2.49
CA GLN A 291 -14.58 -16.59 3.73
C GLN A 291 -13.64 -17.32 4.70
N ASP A 292 -13.98 -17.23 5.99
CA ASP A 292 -13.27 -17.91 7.08
C ASP A 292 -11.81 -17.46 7.21
N VAL A 293 -11.60 -16.14 7.14
CA VAL A 293 -10.25 -15.60 7.28
C VAL A 293 -9.72 -15.86 8.69
N LEU A 294 -8.41 -16.09 8.77
CA LEU A 294 -7.74 -16.16 10.07
C LEU A 294 -7.70 -14.78 10.74
N LEU A 295 -7.71 -14.79 12.07
CA LEU A 295 -7.41 -13.58 12.84
C LEU A 295 -5.94 -13.21 12.67
N PRO A 296 -5.59 -11.93 12.88
CA PRO A 296 -4.15 -11.55 12.82
C PRO A 296 -3.26 -12.38 13.73
N GLN A 297 -3.68 -12.62 14.98
CA GLN A 297 -2.83 -13.37 15.90
C GLN A 297 -2.66 -14.82 15.46
N GLU A 298 -3.75 -15.44 14.98
CA GLU A 298 -3.64 -16.79 14.41
C GLU A 298 -2.67 -16.79 13.22
N THR A 299 -2.72 -15.75 12.39
CA THR A 299 -1.86 -15.69 11.22
C THR A 299 -0.40 -15.66 11.65
N ALA A 300 -0.08 -14.85 12.67
CA ALA A 300 1.28 -14.79 13.18
C ALA A 300 1.71 -16.15 13.75
N GLU A 301 0.88 -16.76 14.59
CA GLU A 301 1.27 -18.02 15.22
C GLU A 301 1.43 -19.15 14.20
N ILE A 302 0.57 -19.19 13.19
CA ILE A 302 0.60 -20.31 12.24
C ILE A 302 1.66 -20.11 11.17
N HIS A 303 1.84 -18.87 10.71
CA HIS A 303 2.63 -18.63 9.51
C HIS A 303 3.86 -17.76 9.73
N LEU A 304 3.91 -16.97 10.80
CA LEU A 304 5.00 -16.02 10.97
C LEU A 304 5.94 -16.37 12.11
N HIS A 305 5.45 -16.91 13.22
CA HIS A 305 6.31 -17.24 14.36
C HIS A 305 7.13 -18.47 14.03
N ARG B 2 13.38 -16.68 -12.66
CA ARG B 2 12.78 -15.52 -13.33
C ARG B 2 12.90 -14.25 -12.46
N LYS B 3 13.25 -13.13 -13.08
CA LYS B 3 13.68 -11.94 -12.35
C LYS B 3 12.49 -11.22 -11.73
N ARG B 4 12.33 -11.35 -10.42
CA ARG B 4 11.42 -10.52 -9.64
C ARG B 4 12.13 -9.26 -9.21
N ARG B 5 11.44 -8.12 -9.33
CA ARG B 5 12.09 -6.84 -9.01
C ARG B 5 11.08 -5.87 -8.44
N ARG B 6 11.59 -4.92 -7.66
CA ARG B 6 10.81 -3.77 -7.25
C ARG B 6 10.60 -2.86 -8.46
N HIS B 7 9.66 -1.93 -8.32
CA HIS B 7 9.35 -0.96 -9.36
C HIS B 7 9.19 0.40 -8.69
N PRO B 8 9.77 1.44 -9.28
CA PRO B 8 9.72 2.77 -8.66
C PRO B 8 8.35 3.41 -8.82
N SER B 9 8.10 4.39 -7.96
CA SER B 9 6.92 5.24 -8.04
C SER B 9 7.30 6.62 -7.53
N GLY B 10 6.40 7.57 -7.73
CA GLY B 10 6.66 8.94 -7.36
C GLY B 10 7.32 9.74 -8.47
C1 GOL C . 1.01 -11.86 -18.81
O1 GOL C . 0.13 -11.50 -19.85
C2 GOL C . 0.70 -13.27 -18.32
O2 GOL C . -0.50 -13.34 -17.57
C3 GOL C . 1.88 -13.82 -17.51
O3 GOL C . 1.54 -13.89 -16.14
C4 8MQ D . 9.51 2.67 4.64
C5 8MQ D . 8.69 2.70 6.72
C6 8MQ D . 9.66 1.69 6.68
C7 8MQ D . 9.92 0.95 7.83
C8 8MQ D . 9.22 1.23 9.00
C9 8MQ D . 8.27 2.24 9.03
C10 8MQ D . 7.99 2.98 7.89
O 8MQ D . 11.74 1.19 3.61
C2 8MQ D . 11.26 0.90 4.69
C1 8MQ D . 11.79 -0.32 5.48
C3 8MQ D . 10.19 1.68 5.32
N 8MQ D . 8.61 3.28 5.48
#